data_3PSD
#
_entry.id   3PSD
#
_cell.length_a   94.980
_cell.length_b   94.980
_cell.length_c   161.730
_cell.angle_alpha   90.00
_cell.angle_beta   90.00
_cell.angle_gamma   90.00
#
_symmetry.space_group_name_H-M   'P 41 21 2'
#
loop_
_entity.id
_entity.type
_entity.pdbx_description
1 polymer 'B-RAF PROTO-ONCOGENE SERINE/THREONINE-PROTEIN KINASE'
2 non-polymer 6-[1-(piperidin-4-yl)-3-(pyridin-4-yl)-1H-pyrazol-4-yl]indeno[1,2-c]pyrazole
#
_entity_poly.entity_id   1
_entity_poly.type   'polypeptide(L)'
_entity_poly.pdbx_seq_one_letter_code
;MDRGSHHHHHHGSEDRNRMKTLGRRDSSDDWEIPDGQITVGQRIGSGSFGTVYKGKWHGDVAVKMLNVTAPTPQQLQAFK
NEVGVLRKTRHVNILLFMGYSTKPQLAIVTQWCEGSSLYHHLHIIETKFEMIKLIDIARQTAQGMDYLHAKSIIHRDLKS
NNIFLHEDLTVKIGDFGLATVKSRWSGSHQFEQLSGSILWMAPEVIRMQDKNPYSFQSDVYAFGIVLYELMTGQLPYSNI
NNRDQIIFMVGRGYLSPDLSKVRSNCPKAMKRLMAECLKKKRDERPLFPQILASIELLARSLPKIHR
;
_entity_poly.pdbx_strand_id   A,B
#
loop_
_chem_comp.id
_chem_comp.type
_chem_comp.name
_chem_comp.formula
SM7 non-polymer 6-[1-(piperidin-4-yl)-3-(pyridin-4-yl)-1H-pyrazol-4-yl]indeno[1,2-c]pyrazole 'C23 H20 N6'
#
# COMPACT_ATOMS: atom_id res chain seq x y z
N ASP A 29 -8.58 11.59 12.83
CA ASP A 29 -9.17 10.29 12.37
C ASP A 29 -9.84 10.45 11.00
N ASP A 30 -10.65 11.50 10.86
CA ASP A 30 -11.42 11.75 9.63
C ASP A 30 -10.53 11.89 8.40
N TRP A 31 -11.07 11.50 7.25
CA TRP A 31 -10.29 11.45 6.01
C TRP A 31 -10.49 12.68 5.11
N GLU A 32 -11.33 13.61 5.56
CA GLU A 32 -11.53 14.85 4.81
C GLU A 32 -10.27 15.70 4.86
N ILE A 33 -9.69 15.95 3.68
CA ILE A 33 -8.48 16.74 3.55
C ILE A 33 -8.83 18.22 3.42
N PRO A 34 -8.21 19.08 4.26
CA PRO A 34 -8.37 20.53 4.15
C PRO A 34 -8.04 21.01 2.74
N ASP A 35 -8.91 21.87 2.21
CA ASP A 35 -8.84 22.30 0.81
C ASP A 35 -7.49 22.91 0.41
N GLY A 36 -7.13 22.72 -0.85
CA GLY A 36 -5.95 23.35 -1.43
C GLY A 36 -4.63 22.67 -1.13
N GLN A 37 -4.67 21.68 -0.23
CA GLN A 37 -3.52 20.84 0.05
C GLN A 37 -3.26 19.93 -1.15
N ILE A 38 -4.32 19.61 -1.88
CA ILE A 38 -4.24 18.83 -3.10
C ILE A 38 -3.90 19.74 -4.28
N THR A 39 -2.77 19.48 -4.92
CA THR A 39 -2.35 20.24 -6.09
C THR A 39 -2.65 19.45 -7.36
N VAL A 40 -3.71 19.87 -8.06
CA VAL A 40 -4.18 19.19 -9.27
C VAL A 40 -3.25 19.50 -10.45
N GLY A 41 -2.79 18.44 -11.12
CA GLY A 41 -1.88 18.58 -12.26
C GLY A 41 -2.47 18.05 -13.55
N GLN A 42 -1.75 17.12 -14.17
CA GLN A 42 -2.12 16.55 -15.47
C GLN A 42 -3.43 15.76 -15.43
N ARG A 43 -4.27 15.97 -16.45
CA ARG A 43 -5.48 15.18 -16.63
C ARG A 43 -5.11 13.85 -17.27
N ILE A 44 -5.31 12.77 -16.52
CA ILE A 44 -4.90 11.44 -16.99
C ILE A 44 -6.02 10.60 -17.61
N GLY A 45 -7.26 11.04 -17.43
CA GLY A 45 -8.42 10.35 -17.98
C GLY A 45 -9.67 10.52 -17.15
N SER A 46 -10.64 9.63 -17.34
CA SER A 46 -11.91 9.69 -16.62
C SER A 46 -12.30 8.35 -16.02
N GLY A 47 -12.80 8.39 -14.79
CA GLY A 47 -13.35 7.21 -14.13
C GLY A 47 -14.87 7.33 -14.01
N SER A 48 -15.45 6.48 -13.17
CA SER A 48 -16.90 6.51 -12.95
C SER A 48 -17.29 7.68 -12.06
N PHE A 49 -18.20 8.52 -12.56
CA PHE A 49 -18.67 9.73 -11.88
C PHE A 49 -17.56 10.74 -11.58
N GLY A 50 -16.66 10.94 -12.54
CA GLY A 50 -15.58 11.92 -12.37
C GLY A 50 -14.46 11.87 -13.39
N THR A 51 -13.60 12.90 -13.34
CA THR A 51 -12.43 13.02 -14.19
C THR A 51 -11.17 12.87 -13.34
N VAL A 52 -10.29 11.96 -13.75
CA VAL A 52 -9.10 11.64 -12.96
C VAL A 52 -7.89 12.48 -13.35
N TYR A 53 -7.18 12.97 -12.33
CA TYR A 53 -5.98 13.79 -12.51
C TYR A 53 -4.81 13.22 -11.72
N LYS A 54 -3.59 13.49 -12.19
CA LYS A 54 -2.38 13.22 -11.41
C LYS A 54 -2.11 14.42 -10.51
N GLY A 55 -2.32 14.23 -9.21
CA GLY A 55 -2.15 15.30 -8.23
C GLY A 55 -0.91 15.16 -7.39
N LYS A 56 -0.72 16.11 -6.47
CA LYS A 56 0.37 16.06 -5.51
C LYS A 56 -0.13 16.39 -4.10
N TRP A 57 -0.14 15.36 -3.25
CA TRP A 57 -0.54 15.50 -1.85
C TRP A 57 0.25 14.50 -1.01
N HIS A 58 1.25 15.01 -0.28
CA HIS A 58 2.24 14.18 0.42
C HIS A 58 2.86 13.16 -0.51
N GLY A 59 3.32 13.63 -1.67
CA GLY A 59 3.83 12.77 -2.73
C GLY A 59 2.88 12.69 -3.91
N ASP A 60 3.20 11.81 -4.86
CA ASP A 60 2.36 11.62 -6.04
C ASP A 60 1.07 10.89 -5.68
N VAL A 61 -0.07 11.45 -6.11
CA VAL A 61 -1.38 10.88 -5.84
C VAL A 61 -2.29 10.88 -7.07
N ALA A 62 -3.26 9.98 -7.07
CA ALA A 62 -4.31 9.95 -8.10
C ALA A 62 -5.58 10.57 -7.53
N VAL A 63 -6.11 11.58 -8.21
CA VAL A 63 -7.28 12.31 -7.72
C VAL A 63 -8.42 12.29 -8.74
N LYS A 64 -9.55 11.71 -8.35
CA LYS A 64 -10.76 11.71 -9.18
C LYS A 64 -11.65 12.87 -8.78
N MET A 65 -11.88 13.79 -9.72
CA MET A 65 -12.57 15.04 -9.44
C MET A 65 -13.80 15.21 -10.34
N LEU A 66 -14.77 15.99 -9.87
CA LEU A 66 -16.02 16.21 -10.60
C LEU A 66 -15.95 17.33 -11.64
N ASN A 67 -15.06 18.30 -11.42
CA ASN A 67 -14.95 19.53 -12.24
C ASN A 67 -16.29 20.18 -12.67
N VAL A 68 -17.34 19.95 -11.88
CA VAL A 68 -18.67 20.50 -12.15
C VAL A 68 -18.96 21.65 -11.20
N THR A 69 -19.57 22.71 -11.74
CA THR A 69 -19.90 23.92 -10.98
C THR A 69 -20.70 23.66 -9.70
N ALA A 70 -21.81 22.95 -9.84
CA ALA A 70 -22.67 22.61 -8.71
C ALA A 70 -23.08 21.13 -8.74
N PRO A 71 -22.83 20.41 -7.65
CA PRO A 71 -23.13 18.97 -7.58
C PRO A 71 -24.61 18.64 -7.50
N THR A 72 -25.04 17.68 -8.32
CA THR A 72 -26.41 17.17 -8.28
C THR A 72 -26.58 16.27 -7.06
N PRO A 73 -27.80 16.21 -6.48
CA PRO A 73 -28.11 15.16 -5.50
C PRO A 73 -27.77 13.75 -6.01
N GLN A 74 -27.78 13.59 -7.33
CA GLN A 74 -27.32 12.36 -7.99
C GLN A 74 -25.80 12.18 -7.83
N GLN A 75 -25.06 13.26 -8.07
CA GLN A 75 -23.60 13.23 -8.00
C GLN A 75 -23.09 13.26 -6.56
N LEU A 76 -23.88 13.85 -5.67
CA LEU A 76 -23.54 13.94 -4.25
C LEU A 76 -23.66 12.58 -3.57
N GLN A 77 -24.67 11.81 -3.99
CA GLN A 77 -24.88 10.45 -3.48
C GLN A 77 -23.78 9.51 -3.96
N ALA A 78 -23.46 9.59 -5.26
CA ALA A 78 -22.42 8.77 -5.88
C ALA A 78 -21.03 8.99 -5.26
N PHE A 79 -20.81 10.22 -4.78
CA PHE A 79 -19.57 10.58 -4.09
C PHE A 79 -19.50 9.92 -2.71
N LYS A 80 -20.51 10.17 -1.88
CA LYS A 80 -20.57 9.62 -0.53
C LYS A 80 -20.69 8.10 -0.49
N ASN A 81 -21.24 7.53 -1.56
CA ASN A 81 -21.34 6.09 -1.73
C ASN A 81 -19.96 5.45 -1.91
N GLU A 82 -19.15 6.03 -2.79
CA GLU A 82 -17.81 5.53 -3.10
C GLU A 82 -16.86 5.71 -1.92
N VAL A 83 -16.90 6.88 -1.30
CA VAL A 83 -16.06 7.19 -0.13
C VAL A 83 -16.37 6.24 1.02
N GLY A 84 -17.66 5.96 1.22
CA GLY A 84 -18.11 5.01 2.25
C GLY A 84 -17.63 3.59 2.01
N VAL A 85 -17.49 3.22 0.73
CA VAL A 85 -16.99 1.90 0.36
C VAL A 85 -15.46 1.83 0.46
N LEU A 86 -14.80 2.86 -0.04
CA LEU A 86 -13.33 2.93 -0.05
C LEU A 86 -12.71 2.92 1.36
N ARG A 87 -13.38 3.55 2.31
CA ARG A 87 -12.89 3.62 3.69
C ARG A 87 -13.01 2.30 4.44
N LYS A 88 -13.59 1.29 3.80
CA LYS A 88 -13.72 -0.05 4.36
C LYS A 88 -12.62 -0.98 3.85
N THR A 89 -11.78 -0.46 2.94
CA THR A 89 -10.75 -1.26 2.28
C THR A 89 -9.33 -0.93 2.75
N ARG A 90 -8.63 -1.95 3.22
CA ARG A 90 -7.22 -1.86 3.58
C ARG A 90 -6.50 -3.13 3.14
N HIS A 91 -6.03 -3.13 1.89
CA HIS A 91 -5.38 -4.30 1.30
C HIS A 91 -4.34 -3.93 0.25
N VAL A 92 -3.32 -4.78 0.10
CA VAL A 92 -2.23 -4.58 -0.86
C VAL A 92 -2.68 -4.67 -2.33
N ASN A 93 -3.82 -5.30 -2.57
CA ASN A 93 -4.33 -5.50 -3.92
C ASN A 93 -5.52 -4.60 -4.25
N ILE A 94 -5.91 -3.76 -3.29
CA ILE A 94 -6.95 -2.76 -3.49
C ILE A 94 -6.28 -1.38 -3.49
N LEU A 95 -6.64 -0.56 -4.48
CA LEU A 95 -6.11 0.80 -4.60
C LEU A 95 -6.32 1.59 -3.31
N LEU A 96 -5.22 2.00 -2.70
CA LEU A 96 -5.24 2.61 -1.36
C LEU A 96 -5.90 3.99 -1.35
N PHE A 97 -7.08 4.04 -0.75
CA PHE A 97 -7.81 5.29 -0.51
C PHE A 97 -7.05 6.11 0.52
N MET A 98 -6.74 7.36 0.17
CA MET A 98 -5.96 8.23 1.04
C MET A 98 -6.81 9.29 1.74
N GLY A 99 -7.81 9.80 1.03
CA GLY A 99 -8.70 10.83 1.56
C GLY A 99 -9.64 11.40 0.52
N TYR A 100 -10.45 12.36 0.94
CA TYR A 100 -11.42 13.02 0.06
C TYR A 100 -11.50 14.52 0.32
N SER A 101 -12.04 15.26 -0.65
CA SER A 101 -12.23 16.70 -0.54
C SER A 101 -13.56 17.11 -1.13
N THR A 102 -14.22 18.06 -0.48
CA THR A 102 -15.54 18.53 -0.88
C THR A 102 -15.56 20.04 -1.15
N LYS A 103 -14.65 20.76 -0.50
CA LYS A 103 -14.64 22.23 -0.49
C LYS A 103 -14.42 22.92 -1.85
N PRO A 104 -13.52 22.39 -2.71
CA PRO A 104 -13.44 23.02 -4.04
C PRO A 104 -14.41 22.34 -5.00
N GLN A 105 -14.13 21.07 -5.31
CA GLN A 105 -15.02 20.19 -6.04
C GLN A 105 -15.02 18.86 -5.29
N LEU A 106 -15.92 17.96 -5.66
CA LEU A 106 -15.96 16.63 -5.05
C LEU A 106 -14.80 15.79 -5.58
N ALA A 107 -13.77 15.64 -4.75
CA ALA A 107 -12.54 14.95 -5.13
C ALA A 107 -12.20 13.79 -4.20
N ILE A 108 -11.68 12.72 -4.78
CA ILE A 108 -11.24 11.55 -4.02
C ILE A 108 -9.76 11.29 -4.30
N VAL A 109 -8.97 11.16 -3.24
CA VAL A 109 -7.52 11.01 -3.36
C VAL A 109 -7.08 9.58 -3.04
N THR A 110 -6.35 8.98 -3.98
CA THR A 110 -5.74 7.67 -3.78
C THR A 110 -4.25 7.71 -4.13
N GLN A 111 -3.55 6.60 -3.91
CA GLN A 111 -2.13 6.47 -4.23
C GLN A 111 -1.88 6.49 -5.74
N TRP A 112 -0.69 6.93 -6.14
CA TRP A 112 -0.30 6.93 -7.54
C TRP A 112 0.47 5.66 -7.90
N CYS A 113 0.10 5.07 -9.04
CA CYS A 113 0.72 3.84 -9.52
C CYS A 113 1.40 4.08 -10.86
N GLU A 114 2.73 4.13 -10.85
CA GLU A 114 3.52 4.28 -12.07
C GLU A 114 3.49 2.98 -12.87
N GLY A 115 3.18 3.10 -14.15
CA GLY A 115 2.87 1.95 -14.99
C GLY A 115 1.36 1.87 -15.10
N SER A 116 0.86 1.87 -16.34
CA SER A 116 -0.57 2.00 -16.61
C SER A 116 -1.38 0.76 -16.24
N SER A 117 -2.69 0.81 -16.50
CA SER A 117 -3.62 -0.28 -16.19
C SER A 117 -3.38 -1.53 -17.03
N LEU A 118 -4.01 -2.63 -16.62
CA LEU A 118 -3.89 -3.92 -17.31
C LEU A 118 -4.46 -3.88 -18.73
N TYR A 119 -5.50 -3.07 -18.94
CA TYR A 119 -6.08 -2.86 -20.26
C TYR A 119 -5.09 -2.19 -21.19
N HIS A 120 -4.33 -1.25 -20.65
CA HIS A 120 -3.33 -0.50 -21.41
C HIS A 120 -2.15 -1.36 -21.82
N HIS A 121 -1.69 -2.21 -20.91
CA HIS A 121 -0.57 -3.12 -21.15
C HIS A 121 -0.88 -4.17 -22.21
N LEU A 122 -2.11 -4.64 -22.23
CA LEU A 122 -2.50 -5.76 -23.08
C LEU A 122 -3.04 -5.35 -24.45
N HIS A 123 -3.70 -4.19 -24.51
CA HIS A 123 -4.44 -3.80 -25.71
C HIS A 123 -3.98 -2.48 -26.36
N ILE A 124 -3.19 -1.70 -25.63
CA ILE A 124 -2.71 -0.41 -26.15
C ILE A 124 -1.24 -0.48 -26.57
N ILE A 125 -0.36 -0.77 -25.61
CA ILE A 125 1.07 -0.88 -25.88
C ILE A 125 1.52 -2.32 -26.16
N GLU A 126 0.59 -3.26 -26.01
CA GLU A 126 0.79 -4.68 -26.33
C GLU A 126 2.04 -5.28 -25.69
N THR A 127 2.12 -5.16 -24.35
CA THR A 127 3.23 -5.72 -23.58
C THR A 127 3.12 -7.24 -23.52
N LYS A 128 4.23 -7.91 -23.79
CA LYS A 128 4.28 -9.37 -23.81
C LYS A 128 4.79 -9.91 -22.47
N PHE A 129 3.87 -10.29 -21.60
CA PHE A 129 4.21 -10.85 -20.29
C PHE A 129 4.46 -12.35 -20.37
N GLU A 130 5.27 -12.86 -19.44
CA GLU A 130 5.53 -14.29 -19.32
C GLU A 130 4.39 -14.96 -18.56
N MET A 131 4.20 -16.26 -18.81
CA MET A 131 3.09 -17.02 -18.21
C MET A 131 3.11 -16.99 -16.68
N ILE A 132 4.30 -17.07 -16.10
CA ILE A 132 4.48 -16.99 -14.65
C ILE A 132 3.98 -15.65 -14.12
N LYS A 133 4.25 -14.59 -14.87
CA LYS A 133 3.86 -13.22 -14.49
C LYS A 133 2.37 -12.98 -14.74
N LEU A 134 1.84 -13.57 -15.82
CA LEU A 134 0.42 -13.46 -16.17
C LEU A 134 -0.48 -14.09 -15.12
N ILE A 135 -0.05 -15.25 -14.60
CA ILE A 135 -0.77 -15.96 -13.54
C ILE A 135 -0.65 -15.21 -12.21
N ASP A 136 0.50 -14.58 -11.99
CA ASP A 136 0.73 -13.78 -10.79
C ASP A 136 -0.19 -12.57 -10.73
N ILE A 137 -0.49 -11.98 -11.88
CA ILE A 137 -1.44 -10.88 -12.00
C ILE A 137 -2.86 -11.38 -11.69
N ALA A 138 -3.19 -12.55 -12.22
CA ALA A 138 -4.49 -13.17 -12.01
C ALA A 138 -4.70 -13.60 -10.56
N ARG A 139 -3.61 -14.00 -9.89
CA ARG A 139 -3.65 -14.43 -8.50
C ARG A 139 -3.91 -13.23 -7.57
N GLN A 140 -3.23 -12.13 -7.84
CA GLN A 140 -3.36 -10.91 -7.03
C GLN A 140 -4.73 -10.25 -7.21
N THR A 141 -5.27 -10.32 -8.43
CA THR A 141 -6.60 -9.80 -8.73
C THR A 141 -7.66 -10.60 -7.97
N ALA A 142 -7.51 -11.92 -7.97
CA ALA A 142 -8.40 -12.81 -7.22
C ALA A 142 -8.25 -12.61 -5.72
N GLN A 143 -7.02 -12.30 -5.29
CA GLN A 143 -6.73 -12.04 -3.88
C GLN A 143 -7.46 -10.79 -3.37
N GLY A 144 -7.45 -9.74 -4.18
CA GLY A 144 -8.13 -8.49 -3.86
C GLY A 144 -9.64 -8.63 -3.88
N MET A 145 -10.14 -9.42 -4.83
CA MET A 145 -11.58 -9.68 -4.96
C MET A 145 -12.12 -10.55 -3.83
N ASP A 146 -11.27 -11.45 -3.32
CA ASP A 146 -11.60 -12.27 -2.16
C ASP A 146 -11.73 -11.41 -0.91
N TYR A 147 -10.90 -10.38 -0.83
CA TYR A 147 -10.92 -9.42 0.29
C TYR A 147 -12.19 -8.58 0.28
N LEU A 148 -12.63 -8.20 -0.92
CA LEU A 148 -13.84 -7.38 -1.08
C LEU A 148 -15.10 -8.18 -0.76
N HIS A 149 -15.17 -9.40 -1.28
CA HIS A 149 -16.33 -10.27 -1.12
C HIS A 149 -16.48 -10.79 0.31
N ALA A 150 -15.37 -10.82 1.05
CA ALA A 150 -15.40 -11.17 2.47
C ALA A 150 -16.01 -10.03 3.29
N LYS A 151 -15.80 -8.80 2.82
CA LYS A 151 -16.37 -7.61 3.45
C LYS A 151 -17.70 -7.20 2.79
N SER A 152 -18.27 -8.14 2.01
CA SER A 152 -19.55 -7.95 1.31
C SER A 152 -19.56 -6.77 0.35
N ILE A 153 -18.43 -6.54 -0.31
CA ILE A 153 -18.30 -5.47 -1.30
C ILE A 153 -18.32 -6.05 -2.71
N ILE A 154 -19.33 -5.67 -3.49
CA ILE A 154 -19.44 -6.09 -4.88
C ILE A 154 -18.99 -4.94 -5.77
N HIS A 155 -18.00 -5.21 -6.61
CA HIS A 155 -17.40 -4.18 -7.47
C HIS A 155 -18.36 -3.69 -8.56
N ARG A 156 -19.02 -4.64 -9.22
CA ARG A 156 -20.03 -4.36 -10.25
C ARG A 156 -19.50 -3.72 -11.54
N ASP A 157 -18.18 -3.50 -11.59
CA ASP A 157 -17.52 -2.94 -12.77
C ASP A 157 -16.07 -3.40 -12.86
N LEU A 158 -15.83 -4.68 -12.54
CA LEU A 158 -14.50 -5.25 -12.62
C LEU A 158 -14.09 -5.42 -14.08
N LYS A 159 -12.98 -4.78 -14.44
CA LYS A 159 -12.43 -4.86 -15.79
C LYS A 159 -10.92 -4.67 -15.76
N SER A 160 -10.27 -4.96 -16.89
CA SER A 160 -8.82 -4.83 -17.01
C SER A 160 -8.37 -3.39 -16.76
N ASN A 161 -9.23 -2.44 -17.11
CA ASN A 161 -8.95 -1.03 -16.98
C ASN A 161 -8.95 -0.54 -15.53
N ASN A 162 -9.71 -1.23 -14.68
CA ASN A 162 -9.74 -0.92 -13.24
C ASN A 162 -8.68 -1.70 -12.45
N ILE A 163 -8.01 -2.62 -13.13
CA ILE A 163 -6.88 -3.34 -12.56
C ILE A 163 -5.59 -2.61 -12.94
N PHE A 164 -4.90 -2.08 -11.93
CA PHE A 164 -3.72 -1.25 -12.15
C PHE A 164 -2.44 -1.96 -11.73
N LEU A 165 -1.41 -1.86 -12.57
CA LEU A 165 -0.10 -2.43 -12.28
C LEU A 165 0.86 -1.40 -11.69
N HIS A 166 1.02 -1.44 -10.38
CA HIS A 166 1.92 -0.54 -9.67
C HIS A 166 3.35 -1.09 -9.70
N GLU A 167 4.27 -0.28 -10.23
CA GLU A 167 5.68 -0.66 -10.42
C GLU A 167 5.87 -1.93 -11.27
N ASP A 168 4.89 -2.19 -12.14
CA ASP A 168 4.90 -3.32 -13.08
C ASP A 168 4.82 -4.72 -12.47
N LEU A 169 4.66 -4.82 -11.15
CA LEU A 169 4.64 -6.11 -10.48
C LEU A 169 3.49 -6.31 -9.47
N THR A 170 2.97 -5.20 -8.93
CA THR A 170 1.89 -5.26 -7.94
C THR A 170 0.55 -4.85 -8.55
N VAL A 171 -0.48 -5.67 -8.30
CA VAL A 171 -1.83 -5.41 -8.82
C VAL A 171 -2.63 -4.57 -7.82
N LYS A 172 -3.30 -3.53 -8.32
CA LYS A 172 -4.14 -2.66 -7.51
C LYS A 172 -5.51 -2.50 -8.17
N ILE A 173 -6.56 -3.00 -7.53
CA ILE A 173 -7.91 -2.88 -8.04
C ILE A 173 -8.51 -1.55 -7.60
N GLY A 174 -8.88 -0.72 -8.58
CA GLY A 174 -9.38 0.62 -8.31
C GLY A 174 -10.75 0.92 -8.90
N ASP A 175 -11.15 2.19 -8.78
CA ASP A 175 -12.44 2.71 -9.25
C ASP A 175 -13.64 1.98 -8.63
N PHE A 176 -14.13 2.53 -7.52
CA PHE A 176 -15.22 1.93 -6.76
C PHE A 176 -16.49 2.79 -6.79
N GLY A 177 -16.67 3.53 -7.88
CA GLY A 177 -17.83 4.41 -8.07
C GLY A 177 -19.13 3.67 -8.26
N LEU A 178 -19.05 2.42 -8.72
CA LEU A 178 -20.23 1.59 -8.94
C LEU A 178 -20.30 0.42 -7.95
N ALA A 179 -19.56 0.52 -6.85
CA ALA A 179 -19.53 -0.52 -5.83
C ALA A 179 -20.71 -0.42 -4.87
N THR A 180 -21.20 -1.57 -4.41
CA THR A 180 -22.33 -1.62 -3.48
C THR A 180 -22.09 -2.66 -2.38
N VAL A 181 -22.48 -2.32 -1.16
CA VAL A 181 -22.37 -3.21 -0.01
C VAL A 181 -23.77 -3.67 0.42
N GLY A 196 -21.70 0.67 -18.57
CA GLY A 196 -20.70 1.34 -19.38
C GLY A 196 -19.96 0.39 -20.30
N SER A 197 -19.21 -0.52 -19.71
CA SER A 197 -18.44 -1.53 -20.46
C SER A 197 -19.16 -2.88 -20.48
N ILE A 198 -19.34 -3.43 -21.68
CA ILE A 198 -20.17 -4.61 -21.89
C ILE A 198 -19.41 -5.94 -21.94
N LEU A 199 -18.11 -5.87 -22.23
CA LEU A 199 -17.29 -7.07 -22.46
C LEU A 199 -17.07 -7.92 -21.21
N TRP A 200 -17.26 -7.30 -20.04
CA TRP A 200 -17.07 -7.99 -18.76
C TRP A 200 -18.39 -8.32 -18.07
N MET A 201 -19.47 -7.76 -18.60
CA MET A 201 -20.81 -7.98 -18.04
C MET A 201 -21.30 -9.41 -18.24
N ALA A 202 -21.84 -9.99 -17.16
CA ALA A 202 -22.41 -11.32 -17.19
C ALA A 202 -23.72 -11.37 -17.98
N PRO A 203 -24.06 -12.54 -18.56
CA PRO A 203 -25.33 -12.71 -19.28
C PRO A 203 -26.57 -12.33 -18.47
N GLU A 204 -26.48 -12.46 -17.14
CA GLU A 204 -27.57 -12.08 -16.25
C GLU A 204 -27.70 -10.56 -16.19
N VAL A 205 -26.55 -9.88 -16.17
CA VAL A 205 -26.49 -8.43 -16.04
C VAL A 205 -26.92 -7.73 -17.33
N ILE A 206 -26.56 -8.33 -18.46
CA ILE A 206 -26.80 -7.72 -19.78
C ILE A 206 -28.29 -7.71 -20.17
N ARG A 207 -29.07 -8.62 -19.59
CA ARG A 207 -30.53 -8.59 -19.71
C ARG A 207 -31.14 -8.29 -18.33
N MET A 208 -31.54 -7.04 -18.13
CA MET A 208 -31.95 -6.53 -16.81
C MET A 208 -33.22 -7.18 -16.25
N GLN A 209 -33.04 -8.31 -15.57
CA GLN A 209 -34.10 -9.00 -14.84
C GLN A 209 -33.53 -9.91 -13.74
N ASP A 210 -33.91 -9.68 -12.49
CA ASP A 210 -34.88 -8.65 -12.10
C ASP A 210 -34.23 -7.30 -11.72
N LYS A 211 -34.48 -6.83 -10.51
CA LYS A 211 -33.96 -5.55 -10.04
C LYS A 211 -32.44 -5.55 -9.83
N ASN A 212 -31.94 -6.59 -9.17
CA ASN A 212 -30.52 -6.71 -8.87
C ASN A 212 -29.86 -7.95 -9.52
N PRO A 213 -29.31 -7.78 -10.73
CA PRO A 213 -28.58 -8.86 -11.41
C PRO A 213 -27.13 -8.95 -10.96
N TYR A 214 -26.68 -7.98 -10.17
CA TYR A 214 -25.33 -7.95 -9.64
C TYR A 214 -25.22 -8.79 -8.38
N SER A 215 -24.21 -9.66 -8.35
CA SER A 215 -23.95 -10.54 -7.21
C SER A 215 -22.45 -10.82 -7.10
N PHE A 216 -22.08 -11.72 -6.19
CA PHE A 216 -20.69 -12.16 -6.10
C PHE A 216 -20.26 -12.90 -7.36
N GLN A 217 -21.20 -13.64 -7.95
CA GLN A 217 -20.95 -14.44 -9.15
C GLN A 217 -20.87 -13.59 -10.43
N SER A 218 -21.50 -12.41 -10.41
CA SER A 218 -21.43 -11.49 -11.54
C SER A 218 -20.03 -10.88 -11.65
N ASP A 219 -19.39 -10.70 -10.49
CA ASP A 219 -17.99 -10.25 -10.42
C ASP A 219 -17.04 -11.36 -10.86
N VAL A 220 -17.43 -12.61 -10.59
CA VAL A 220 -16.66 -13.79 -11.00
C VAL A 220 -16.55 -13.88 -12.52
N TYR A 221 -17.65 -13.60 -13.21
CA TYR A 221 -17.67 -13.57 -14.68
C TYR A 221 -16.75 -12.50 -15.22
N ALA A 222 -16.80 -11.31 -14.60
CA ALA A 222 -15.94 -10.19 -14.96
C ALA A 222 -14.46 -10.56 -14.75
N PHE A 223 -14.20 -11.34 -13.71
CA PHE A 223 -12.87 -11.88 -13.45
C PHE A 223 -12.51 -12.96 -14.48
N GLY A 224 -13.53 -13.69 -14.94
CA GLY A 224 -13.34 -14.69 -15.98
C GLY A 224 -12.90 -14.09 -17.30
N ILE A 225 -13.37 -12.87 -17.58
CA ILE A 225 -13.01 -12.15 -18.79
C ILE A 225 -11.58 -11.62 -18.72
N VAL A 226 -11.17 -11.09 -17.55
CA VAL A 226 -9.80 -10.62 -17.38
C VAL A 226 -8.80 -11.79 -17.37
N LEU A 227 -9.27 -12.96 -16.95
CA LEU A 227 -8.49 -14.20 -17.07
C LEU A 227 -8.28 -14.54 -18.53
N TYR A 228 -9.35 -14.43 -19.32
CA TYR A 228 -9.31 -14.64 -20.76
C TYR A 228 -8.32 -13.68 -21.42
N GLU A 229 -8.38 -12.41 -21.04
CA GLU A 229 -7.50 -11.38 -21.58
C GLU A 229 -6.03 -11.65 -21.33
N LEU A 230 -5.72 -12.13 -20.12
CA LEU A 230 -4.35 -12.44 -19.73
C LEU A 230 -3.80 -13.66 -20.48
N MET A 231 -4.67 -14.65 -20.72
CA MET A 231 -4.25 -15.90 -21.36
C MET A 231 -4.29 -15.85 -22.89
N THR A 232 -5.02 -14.89 -23.44
CA THR A 232 -5.11 -14.73 -24.90
C THR A 232 -4.33 -13.51 -25.39
N GLY A 233 -4.32 -12.46 -24.58
CA GLY A 233 -3.70 -11.18 -24.97
C GLY A 233 -4.65 -10.32 -25.78
N GLN A 234 -5.93 -10.71 -25.81
CA GLN A 234 -6.94 -10.04 -26.61
C GLN A 234 -8.26 -9.88 -25.86
N LEU A 235 -9.06 -8.90 -26.30
CA LEU A 235 -10.43 -8.72 -25.82
C LEU A 235 -11.33 -9.79 -26.45
N PRO A 236 -12.32 -10.28 -25.69
CA PRO A 236 -13.25 -11.26 -26.24
C PRO A 236 -14.11 -10.69 -27.36
N TYR A 237 -14.54 -11.55 -28.28
CA TYR A 237 -15.38 -11.19 -29.42
C TYR A 237 -14.73 -10.13 -30.32
N SER A 238 -13.44 -10.29 -30.56
CA SER A 238 -12.63 -9.33 -31.34
C SER A 238 -12.93 -9.37 -32.83
N ASN A 239 -13.43 -10.52 -33.31
CA ASN A 239 -13.78 -10.69 -34.72
C ASN A 239 -15.19 -10.17 -35.06
N ILE A 240 -15.85 -9.59 -34.07
CA ILE A 240 -17.17 -8.99 -34.24
C ILE A 240 -17.06 -7.48 -33.98
N ASN A 241 -17.52 -6.69 -34.95
CA ASN A 241 -17.42 -5.23 -34.85
C ASN A 241 -18.68 -4.53 -34.31
N ASN A 242 -19.83 -5.19 -34.42
CA ASN A 242 -21.08 -4.63 -33.93
C ASN A 242 -21.25 -4.80 -32.42
N ARG A 243 -21.45 -3.69 -31.73
CA ARG A 243 -21.61 -3.68 -30.28
C ARG A 243 -22.97 -4.23 -29.87
N ASP A 244 -24.02 -3.80 -30.57
CA ASP A 244 -25.40 -4.19 -30.27
C ASP A 244 -25.67 -5.67 -30.56
N GLN A 245 -24.88 -6.24 -31.47
CA GLN A 245 -24.98 -7.67 -31.80
C GLN A 245 -24.32 -8.54 -30.74
N ILE A 246 -23.27 -8.03 -30.12
CA ILE A 246 -22.60 -8.72 -29.00
C ILE A 246 -23.49 -8.68 -27.75
N ILE A 247 -24.02 -7.50 -27.44
CA ILE A 247 -24.93 -7.31 -26.30
C ILE A 247 -26.11 -8.29 -26.33
N PHE A 248 -26.75 -8.40 -27.49
CA PHE A 248 -27.89 -9.29 -27.70
C PHE A 248 -27.48 -10.76 -27.64
N MET A 249 -26.33 -11.07 -28.24
CA MET A 249 -25.91 -12.46 -28.41
C MET A 249 -25.39 -13.10 -27.12
N VAL A 250 -24.77 -12.30 -26.26
CA VAL A 250 -24.36 -12.74 -24.93
C VAL A 250 -25.60 -12.85 -24.03
N GLY A 251 -26.55 -11.93 -24.23
CA GLY A 251 -27.79 -11.88 -23.46
C GLY A 251 -28.65 -13.13 -23.60
N ARG A 252 -28.94 -13.51 -24.83
CA ARG A 252 -29.78 -14.68 -25.11
C ARG A 252 -29.03 -16.00 -24.92
N GLY A 253 -27.71 -15.90 -24.73
CA GLY A 253 -26.87 -17.06 -24.47
C GLY A 253 -26.36 -17.75 -25.73
N TYR A 254 -26.27 -17.00 -26.82
CA TYR A 254 -25.76 -17.53 -28.08
C TYR A 254 -24.24 -17.35 -28.21
N LEU A 255 -23.73 -16.30 -27.56
CA LEU A 255 -22.31 -15.97 -27.64
C LEU A 255 -21.60 -16.23 -26.31
N SER A 256 -20.49 -16.97 -26.38
CA SER A 256 -19.59 -17.17 -25.25
C SER A 256 -18.15 -16.95 -25.72
N PRO A 257 -17.25 -16.53 -24.80
CA PRO A 257 -15.86 -16.31 -25.18
C PRO A 257 -15.18 -17.56 -25.76
N ASP A 258 -14.41 -17.37 -26.83
CA ASP A 258 -13.70 -18.46 -27.49
C ASP A 258 -12.51 -18.91 -26.64
N LEU A 259 -12.72 -19.98 -25.88
CA LEU A 259 -11.73 -20.47 -24.91
C LEU A 259 -10.53 -21.15 -25.57
N SER A 260 -10.70 -21.61 -26.82
CA SER A 260 -9.62 -22.26 -27.56
C SER A 260 -8.59 -21.27 -28.10
N LYS A 261 -8.82 -19.99 -27.83
CA LYS A 261 -7.92 -18.92 -28.26
C LYS A 261 -6.70 -18.75 -27.34
N VAL A 262 -6.75 -19.38 -26.17
CA VAL A 262 -5.64 -19.31 -25.21
C VAL A 262 -4.35 -19.88 -25.78
N ARG A 263 -3.22 -19.32 -25.36
CA ARG A 263 -1.91 -19.75 -25.85
C ARG A 263 -1.56 -21.17 -25.40
N SER A 264 -0.65 -21.80 -26.15
CA SER A 264 -0.31 -23.22 -25.96
C SER A 264 0.38 -23.54 -24.62
N ASN A 265 1.05 -22.54 -24.04
CA ASN A 265 1.74 -22.72 -22.76
C ASN A 265 0.88 -22.41 -21.54
N CYS A 266 -0.40 -22.14 -21.77
CA CYS A 266 -1.37 -21.94 -20.69
C CYS A 266 -1.74 -23.28 -20.05
N PRO A 267 -1.64 -23.37 -18.71
CA PRO A 267 -1.94 -24.61 -17.98
C PRO A 267 -3.39 -25.04 -18.13
N LYS A 268 -3.61 -26.36 -18.14
CA LYS A 268 -4.94 -26.94 -18.25
C LYS A 268 -5.84 -26.60 -17.07
N ALA A 269 -5.22 -26.40 -15.90
CA ALA A 269 -5.94 -26.01 -14.69
C ALA A 269 -6.44 -24.57 -14.75
N MET A 270 -5.71 -23.72 -15.49
CA MET A 270 -6.11 -22.33 -15.70
C MET A 270 -7.27 -22.24 -16.68
N LYS A 271 -7.20 -23.02 -17.76
CA LYS A 271 -8.24 -23.07 -18.79
C LYS A 271 -9.54 -23.65 -18.24
N ARG A 272 -9.41 -24.62 -17.33
CA ARG A 272 -10.56 -25.27 -16.71
C ARG A 272 -11.29 -24.32 -15.75
N LEU A 273 -10.51 -23.54 -15.00
CA LEU A 273 -11.04 -22.54 -14.08
C LEU A 273 -11.74 -21.41 -14.83
N MET A 274 -11.18 -21.04 -15.97
CA MET A 274 -11.70 -19.99 -16.83
C MET A 274 -13.13 -20.32 -17.28
N ALA A 275 -13.35 -21.56 -17.68
CA ALA A 275 -14.66 -22.04 -18.14
C ALA A 275 -15.68 -22.09 -17.00
N GLU A 276 -15.21 -22.32 -15.78
CA GLU A 276 -16.06 -22.35 -14.60
C GLU A 276 -16.55 -20.95 -14.21
N CYS A 277 -15.68 -19.96 -14.39
CA CYS A 277 -16.02 -18.57 -14.11
C CYS A 277 -16.91 -17.97 -15.19
N LEU A 278 -16.78 -18.47 -16.41
CA LEU A 278 -17.52 -17.95 -17.57
C LEU A 278 -18.80 -18.74 -17.89
N LYS A 279 -19.30 -19.48 -16.90
CA LYS A 279 -20.56 -20.22 -17.05
C LYS A 279 -21.72 -19.25 -17.23
N LYS A 280 -22.66 -19.60 -18.11
CA LYS A 280 -23.80 -18.74 -18.40
C LYS A 280 -24.76 -18.64 -17.22
N LYS A 281 -24.93 -19.75 -16.50
CA LYS A 281 -25.72 -19.77 -15.27
C LYS A 281 -24.82 -19.41 -14.09
N ARG A 282 -25.24 -18.43 -13.29
CA ARG A 282 -24.43 -17.90 -12.20
C ARG A 282 -24.23 -18.87 -11.04
N ASP A 283 -25.19 -19.76 -10.82
CA ASP A 283 -25.14 -20.72 -9.71
C ASP A 283 -24.13 -21.84 -9.94
N GLU A 284 -23.62 -21.92 -11.17
CA GLU A 284 -22.62 -22.92 -11.54
C GLU A 284 -21.19 -22.35 -11.53
N ARG A 285 -21.07 -21.10 -11.09
CA ARG A 285 -19.78 -20.43 -10.98
C ARG A 285 -19.22 -20.54 -9.56
N PRO A 286 -17.89 -20.78 -9.45
CA PRO A 286 -17.24 -20.82 -8.13
C PRO A 286 -17.08 -19.43 -7.55
N LEU A 287 -17.00 -19.35 -6.21
CA LEU A 287 -16.74 -18.09 -5.53
C LEU A 287 -15.23 -17.90 -5.34
N PHE A 288 -14.82 -16.66 -5.09
CA PHE A 288 -13.40 -16.30 -5.00
C PHE A 288 -12.54 -17.07 -3.98
N PRO A 289 -13.12 -17.47 -2.82
CA PRO A 289 -12.38 -18.37 -1.94
C PRO A 289 -11.91 -19.65 -2.63
N GLN A 290 -12.76 -20.19 -3.50
CA GLN A 290 -12.44 -21.39 -4.27
C GLN A 290 -11.48 -21.07 -5.42
N ILE A 291 -11.72 -19.94 -6.09
CA ILE A 291 -10.91 -19.52 -7.24
C ILE A 291 -9.47 -19.21 -6.84
N LEU A 292 -9.30 -18.51 -5.72
CA LEU A 292 -7.97 -18.18 -5.19
C LEU A 292 -7.15 -19.43 -4.91
N ALA A 293 -7.78 -20.41 -4.26
CA ALA A 293 -7.13 -21.68 -3.94
C ALA A 293 -6.74 -22.47 -5.18
N SER A 294 -7.49 -22.29 -6.26
CA SER A 294 -7.22 -22.96 -7.54
C SER A 294 -6.01 -22.38 -8.25
N ILE A 295 -5.89 -21.05 -8.23
CA ILE A 295 -4.75 -20.36 -8.86
C ILE A 295 -3.46 -20.59 -8.08
N GLU A 296 -3.57 -20.59 -6.75
CA GLU A 296 -2.43 -20.84 -5.86
C GLU A 296 -1.88 -22.26 -6.00
N LEU A 297 -2.76 -23.19 -6.35
CA LEU A 297 -2.39 -24.59 -6.55
C LEU A 297 -1.58 -24.79 -7.84
N LEU A 298 -2.06 -24.18 -8.92
CA LEU A 298 -1.41 -24.31 -10.23
C LEU A 298 -0.13 -23.47 -10.35
N ALA A 299 0.00 -22.48 -9.48
CA ALA A 299 1.17 -21.60 -9.46
C ALA A 299 2.40 -22.29 -8.85
N ARG A 300 2.16 -23.14 -7.85
CA ARG A 300 3.23 -23.86 -7.16
C ARG A 300 3.86 -24.95 -8.03
N SER A 301 3.04 -25.58 -8.86
CA SER A 301 3.50 -26.61 -9.78
C SER A 301 3.64 -26.05 -11.21
N LEU A 302 4.26 -24.88 -11.31
CA LEU A 302 4.42 -24.18 -12.59
C LEU A 302 5.87 -23.95 -13.01
N PRO A 303 6.74 -23.44 -12.09
CA PRO A 303 8.14 -23.17 -12.46
C PRO A 303 8.91 -24.41 -12.89
N LYS A 304 8.50 -25.57 -12.39
CA LYS A 304 9.11 -26.85 -12.75
C LYS A 304 8.67 -27.26 -14.17
N ASP B 29 -17.42 -1.60 8.62
CA ASP B 29 -16.51 -0.41 8.67
C ASP B 29 -15.35 -0.64 9.63
N ASP B 30 -15.64 -1.28 10.77
CA ASP B 30 -14.65 -1.52 11.81
C ASP B 30 -13.53 -2.47 11.35
N TRP B 31 -12.36 -2.33 11.95
CA TRP B 31 -11.18 -3.08 11.55
C TRP B 31 -10.91 -4.31 12.43
N GLU B 32 -11.90 -4.68 13.25
CA GLU B 32 -11.79 -5.89 14.07
C GLU B 32 -12.00 -7.12 13.19
N ILE B 33 -10.96 -7.93 13.08
CA ILE B 33 -11.01 -9.16 12.30
C ILE B 33 -11.70 -10.27 13.12
N PRO B 34 -12.73 -10.90 12.53
CA PRO B 34 -13.35 -12.08 13.14
C PRO B 34 -12.31 -13.16 13.40
N ASP B 35 -12.34 -13.71 14.62
CA ASP B 35 -11.29 -14.63 15.08
C ASP B 35 -11.16 -15.89 14.23
N GLY B 36 -9.90 -16.31 14.04
CA GLY B 36 -9.59 -17.55 13.34
C GLY B 36 -9.32 -17.43 11.86
N GLN B 37 -9.62 -16.26 11.31
CA GLN B 37 -9.32 -15.96 9.91
C GLN B 37 -7.82 -15.73 9.72
N ILE B 38 -7.14 -15.38 10.82
CA ILE B 38 -5.70 -15.14 10.81
C ILE B 38 -4.97 -16.44 11.15
N THR B 39 -4.12 -16.90 10.23
CA THR B 39 -3.35 -18.12 10.43
C THR B 39 -1.87 -17.79 10.69
N VAL B 40 -1.47 -17.90 11.95
CA VAL B 40 -0.10 -17.60 12.38
C VAL B 40 0.86 -18.70 11.97
N GLY B 41 2.00 -18.31 11.40
CA GLY B 41 3.01 -19.25 10.94
C GLY B 41 4.37 -19.05 11.58
N GLN B 42 5.36 -18.74 10.75
CA GLN B 42 6.75 -18.56 11.19
C GLN B 42 6.96 -17.37 12.12
N ARG B 43 7.88 -17.53 13.07
CA ARG B 43 8.33 -16.44 13.92
C ARG B 43 9.54 -15.79 13.30
N ILE B 44 9.44 -14.49 13.01
CA ILE B 44 10.51 -13.77 12.31
C ILE B 44 11.20 -12.70 13.17
N GLY B 45 10.89 -12.70 14.47
CA GLY B 45 11.50 -11.76 15.40
C GLY B 45 10.49 -11.05 16.28
N SER B 46 10.96 -10.03 17.00
CA SER B 46 10.11 -9.28 17.92
C SER B 46 10.10 -7.79 17.61
N GLY B 47 8.98 -7.14 17.93
CA GLY B 47 8.84 -5.69 17.79
C GLY B 47 8.56 -5.04 19.14
N SER B 48 7.98 -3.84 19.11
CA SER B 48 7.63 -3.14 20.33
C SER B 48 6.31 -3.68 20.89
N PHE B 49 6.35 -4.07 22.16
CA PHE B 49 5.19 -4.64 22.87
C PHE B 49 4.61 -5.90 22.21
N GLY B 50 5.49 -6.78 21.72
CA GLY B 50 5.03 -8.03 21.12
C GLY B 50 6.01 -8.73 20.20
N THR B 51 5.61 -9.92 19.75
CA THR B 51 6.42 -10.76 18.87
C THR B 51 5.81 -10.81 17.46
N VAL B 52 6.66 -10.63 16.45
CA VAL B 52 6.21 -10.58 15.06
C VAL B 52 6.20 -11.96 14.40
N TYR B 53 5.15 -12.22 13.62
CA TYR B 53 4.98 -13.49 12.90
C TYR B 53 4.58 -13.26 11.45
N LYS B 54 4.93 -14.21 10.59
CA LYS B 54 4.45 -14.23 9.21
C LYS B 54 3.14 -15.01 9.17
N GLY B 55 2.04 -14.29 8.98
CA GLY B 55 0.71 -14.90 8.98
C GLY B 55 0.01 -14.89 7.63
N LYS B 56 -1.18 -15.47 7.58
CA LYS B 56 -1.99 -15.48 6.37
C LYS B 56 -3.41 -15.01 6.62
N TRP B 57 -3.74 -13.85 6.06
CA TRP B 57 -5.09 -13.29 6.10
C TRP B 57 -5.34 -12.51 4.82
N HIS B 58 -6.10 -13.12 3.91
CA HIS B 58 -6.29 -12.63 2.54
C HIS B 58 -4.94 -12.36 1.86
N GLY B 59 -4.06 -13.36 1.91
CA GLY B 59 -2.71 -13.25 1.39
C GLY B 59 -1.69 -13.17 2.51
N ASP B 60 -0.44 -12.88 2.14
CA ASP B 60 0.66 -12.76 3.10
C ASP B 60 0.50 -11.50 3.96
N VAL B 61 0.56 -11.68 5.28
CA VAL B 61 0.47 -10.57 6.23
C VAL B 61 1.49 -10.68 7.35
N ALA B 62 1.81 -9.53 7.96
CA ALA B 62 2.68 -9.48 9.13
C ALA B 62 1.82 -9.33 10.39
N VAL B 63 2.01 -10.24 11.34
CA VAL B 63 1.19 -10.24 12.56
C VAL B 63 2.06 -10.05 13.80
N LYS B 64 1.84 -8.92 14.49
CA LYS B 64 2.51 -8.67 15.77
C LYS B 64 1.58 -9.09 16.91
N MET B 65 2.01 -10.10 17.65
CA MET B 65 1.18 -10.74 18.67
C MET B 65 1.81 -10.62 20.06
N LEU B 66 0.95 -10.60 21.08
CA LEU B 66 1.40 -10.50 22.48
C LEU B 66 1.82 -11.85 23.07
N ASN B 67 1.19 -12.92 22.59
CA ASN B 67 1.40 -14.30 23.09
C ASN B 67 1.54 -14.46 24.61
N VAL B 68 0.85 -13.59 25.34
CA VAL B 68 0.79 -13.65 26.81
C VAL B 68 -0.56 -14.21 27.22
N THR B 69 -0.56 -15.05 28.26
CA THR B 69 -1.76 -15.70 28.79
C THR B 69 -2.90 -14.73 29.08
N ALA B 70 -2.61 -13.70 29.87
CA ALA B 70 -3.61 -12.69 30.23
C ALA B 70 -3.04 -11.27 30.07
N PRO B 71 -3.76 -10.41 29.34
CA PRO B 71 -3.29 -9.04 29.09
C PRO B 71 -3.31 -8.16 30.34
N THR B 72 -2.24 -7.38 30.51
CA THR B 72 -2.12 -6.41 31.59
C THR B 72 -2.85 -5.13 31.17
N PRO B 73 -3.44 -4.39 32.13
CA PRO B 73 -3.93 -3.03 31.86
C PRO B 73 -2.84 -2.14 31.24
N GLN B 74 -1.58 -2.50 31.47
CA GLN B 74 -0.42 -1.88 30.82
C GLN B 74 -0.36 -2.28 29.33
N GLN B 75 -0.53 -3.56 29.05
CA GLN B 75 -0.44 -4.09 27.69
C GLN B 75 -1.67 -3.76 26.84
N LEU B 76 -2.84 -3.74 27.49
CA LEU B 76 -4.11 -3.44 26.82
C LEU B 76 -4.13 -2.00 26.31
N GLN B 77 -3.54 -1.09 27.09
CA GLN B 77 -3.44 0.32 26.71
C GLN B 77 -2.48 0.51 25.54
N ALA B 78 -1.35 -0.19 25.58
CA ALA B 78 -0.34 -0.13 24.51
C ALA B 78 -0.87 -0.70 23.19
N PHE B 79 -1.79 -1.65 23.29
CA PHE B 79 -2.47 -2.23 22.13
C PHE B 79 -3.47 -1.23 21.55
N LYS B 80 -4.32 -0.67 22.41
CA LYS B 80 -5.35 0.28 22.00
C LYS B 80 -4.77 1.61 21.50
N ASN B 81 -3.59 1.96 22.01
CA ASN B 81 -2.88 3.17 21.57
C ASN B 81 -2.36 3.04 20.13
N GLU B 82 -1.73 1.91 19.83
CA GLU B 82 -1.15 1.66 18.51
C GLU B 82 -2.22 1.52 17.43
N VAL B 83 -3.27 0.75 17.73
CA VAL B 83 -4.39 0.55 16.81
C VAL B 83 -5.08 1.88 16.48
N GLY B 84 -5.22 2.73 17.50
CA GLY B 84 -5.78 4.06 17.34
C GLY B 84 -4.95 4.97 16.44
N VAL B 85 -3.62 4.78 16.49
CA VAL B 85 -2.68 5.54 15.67
C VAL B 85 -2.63 4.98 14.24
N LEU B 86 -2.57 3.65 14.13
CA LEU B 86 -2.47 2.97 12.84
C LEU B 86 -3.68 3.21 11.92
N ARG B 87 -4.86 3.35 12.52
CA ARG B 87 -6.09 3.57 11.76
C ARG B 87 -6.18 5.00 11.19
N LYS B 88 -5.26 5.86 11.60
CA LYS B 88 -5.20 7.23 11.11
C LYS B 88 -4.20 7.38 9.96
N THR B 89 -3.55 6.27 9.61
CA THR B 89 -2.51 6.27 8.57
C THR B 89 -2.96 5.58 7.29
N ARG B 90 -2.91 6.33 6.19
CA ARG B 90 -3.20 5.81 4.86
C ARG B 90 -2.24 6.44 3.84
N HIS B 91 -1.06 5.85 3.71
CA HIS B 91 0.00 6.39 2.85
C HIS B 91 0.85 5.27 2.26
N VAL B 92 1.46 5.54 1.11
CA VAL B 92 2.32 4.58 0.41
C VAL B 92 3.61 4.25 1.17
N ASN B 93 4.11 5.21 1.93
CA ASN B 93 5.38 5.05 2.65
C ASN B 93 5.21 4.60 4.10
N ILE B 94 3.96 4.44 4.53
CA ILE B 94 3.64 3.92 5.85
C ILE B 94 3.16 2.48 5.72
N LEU B 95 3.71 1.59 6.55
CA LEU B 95 3.31 0.18 6.59
C LEU B 95 1.80 0.07 6.78
N LEU B 96 1.14 -0.49 5.77
CA LEU B 96 -0.33 -0.53 5.74
C LEU B 96 -0.94 -1.39 6.83
N PHE B 97 -1.64 -0.72 7.75
CA PHE B 97 -2.46 -1.39 8.75
C PHE B 97 -3.64 -2.06 8.04
N MET B 98 -3.97 -3.28 8.47
CA MET B 98 -5.05 -4.05 7.85
C MET B 98 -6.18 -4.37 8.82
N GLY B 99 -5.81 -4.74 10.05
CA GLY B 99 -6.78 -5.08 11.08
C GLY B 99 -6.16 -5.50 12.40
N TYR B 100 -7.01 -5.66 13.40
CA TYR B 100 -6.57 -6.07 14.74
C TYR B 100 -7.43 -7.21 15.29
N SER B 101 -6.86 -7.99 16.18
CA SER B 101 -7.56 -9.11 16.80
C SER B 101 -7.33 -9.14 18.31
N THR B 102 -8.41 -9.36 19.07
CA THR B 102 -8.35 -9.41 20.53
C THR B 102 -8.82 -10.75 21.07
N LYS B 103 -9.67 -11.42 20.30
CA LYS B 103 -10.37 -12.64 20.73
C LYS B 103 -9.48 -13.85 21.08
N PRO B 104 -8.37 -14.08 20.33
CA PRO B 104 -7.46 -15.11 20.80
C PRO B 104 -6.33 -14.51 21.66
N GLN B 105 -5.46 -13.73 21.01
CA GLN B 105 -4.44 -12.93 21.68
C GLN B 105 -4.42 -11.56 21.02
N LEU B 106 -3.91 -10.56 21.73
CA LEU B 106 -3.82 -9.20 21.20
C LEU B 106 -2.86 -9.16 20.01
N ALA B 107 -3.44 -9.11 18.81
CA ALA B 107 -2.67 -9.17 17.57
C ALA B 107 -2.98 -8.01 16.64
N ILE B 108 -1.95 -7.55 15.94
CA ILE B 108 -2.09 -6.51 14.93
C ILE B 108 -1.63 -7.04 13.57
N VAL B 109 -2.51 -6.96 12.58
CA VAL B 109 -2.23 -7.46 11.24
C VAL B 109 -1.91 -6.32 10.28
N THR B 110 -0.72 -6.36 9.70
CA THR B 110 -0.30 -5.40 8.68
C THR B 110 0.12 -6.12 7.40
N GLN B 111 0.35 -5.36 6.33
CA GLN B 111 0.80 -5.91 5.06
C GLN B 111 2.18 -6.57 5.17
N TRP B 112 2.43 -7.53 4.30
CA TRP B 112 3.73 -8.21 4.27
C TRP B 112 4.67 -7.57 3.26
N CYS B 113 5.92 -7.37 3.67
CA CYS B 113 6.95 -6.80 2.80
C CYS B 113 8.08 -7.80 2.60
N GLU B 114 8.18 -8.33 1.39
CA GLU B 114 9.27 -9.24 1.03
C GLU B 114 10.57 -8.45 0.89
N GLY B 115 11.60 -8.90 1.61
CA GLY B 115 12.83 -8.15 1.76
C GLY B 115 12.82 -7.44 3.10
N SER B 116 13.84 -7.67 3.90
CA SER B 116 13.87 -7.22 5.29
C SER B 116 14.10 -5.70 5.43
N SER B 117 14.24 -5.25 6.68
CA SER B 117 14.41 -3.83 7.02
C SER B 117 15.72 -3.24 6.49
N LEU B 118 15.81 -1.91 6.56
CA LEU B 118 17.00 -1.16 6.15
C LEU B 118 18.21 -1.52 7.03
N TYR B 119 17.95 -1.79 8.31
CA TYR B 119 18.98 -2.22 9.27
C TYR B 119 19.61 -3.54 8.82
N HIS B 120 18.77 -4.46 8.37
CA HIS B 120 19.20 -5.77 7.90
C HIS B 120 20.01 -5.66 6.61
N HIS B 121 19.60 -4.73 5.74
CA HIS B 121 20.29 -4.50 4.47
C HIS B 121 21.66 -3.84 4.66
N LEU B 122 21.73 -2.89 5.59
CA LEU B 122 22.94 -2.09 5.77
C LEU B 122 23.97 -2.70 6.71
N HIS B 123 23.50 -3.41 7.74
CA HIS B 123 24.38 -3.86 8.81
C HIS B 123 24.47 -5.37 9.00
N ILE B 124 23.50 -6.11 8.47
CA ILE B 124 23.49 -7.57 8.61
C ILE B 124 24.06 -8.28 7.37
N ILE B 125 23.43 -8.05 6.22
CA ILE B 125 23.88 -8.67 4.96
C ILE B 125 24.75 -7.75 4.10
N GLU B 126 24.86 -6.49 4.54
CA GLU B 126 25.73 -5.48 3.91
C GLU B 126 25.47 -5.30 2.41
N THR B 127 24.24 -4.92 2.08
CA THR B 127 23.86 -4.63 0.69
C THR B 127 24.45 -3.28 0.26
N LYS B 128 25.14 -3.30 -0.88
CA LYS B 128 25.79 -2.10 -1.41
C LYS B 128 24.84 -1.36 -2.36
N PHE B 129 24.08 -0.41 -1.81
CA PHE B 129 23.15 0.40 -2.60
C PHE B 129 23.88 1.52 -3.33
N GLU B 130 23.31 1.92 -4.47
CA GLU B 130 23.82 3.04 -5.25
C GLU B 130 23.35 4.36 -4.64
N MET B 131 24.12 5.43 -4.86
CA MET B 131 23.84 6.74 -4.28
C MET B 131 22.47 7.30 -4.69
N ILE B 132 22.07 7.03 -5.93
CA ILE B 132 20.77 7.46 -6.44
C ILE B 132 19.64 6.74 -5.70
N LYS B 133 19.85 5.47 -5.37
CA LYS B 133 18.88 4.67 -4.65
C LYS B 133 18.86 5.00 -3.15
N LEU B 134 20.04 5.32 -2.61
CA LEU B 134 20.18 5.69 -1.20
C LEU B 134 19.44 6.98 -0.86
N ILE B 135 19.47 7.94 -1.78
CA ILE B 135 18.75 9.20 -1.63
C ILE B 135 17.25 8.97 -1.83
N ASP B 136 16.90 8.03 -2.71
CA ASP B 136 15.52 7.66 -2.96
C ASP B 136 14.86 7.04 -1.72
N ILE B 137 15.62 6.21 -1.01
CA ILE B 137 15.17 5.63 0.26
C ILE B 137 15.01 6.73 1.30
N ALA B 138 15.93 7.69 1.30
CA ALA B 138 15.89 8.85 2.20
C ALA B 138 14.69 9.74 1.92
N ARG B 139 14.35 9.89 0.64
CA ARG B 139 13.23 10.75 0.22
C ARG B 139 11.89 10.15 0.65
N GLN B 140 11.75 8.84 0.49
CA GLN B 140 10.52 8.14 0.84
C GLN B 140 10.31 8.07 2.35
N THR B 141 11.40 7.96 3.10
CA THR B 141 11.36 7.97 4.56
C THR B 141 10.88 9.32 5.06
N ALA B 142 11.40 10.39 4.43
CA ALA B 142 10.98 11.75 4.73
C ALA B 142 9.53 11.99 4.33
N GLN B 143 9.12 11.42 3.19
CA GLN B 143 7.76 11.56 2.67
C GLN B 143 6.73 10.94 3.62
N GLY B 144 7.08 9.79 4.20
CA GLY B 144 6.22 9.10 5.16
C GLY B 144 6.11 9.85 6.48
N MET B 145 7.24 10.37 6.95
CA MET B 145 7.29 11.13 8.19
C MET B 145 6.56 12.47 8.08
N ASP B 146 6.65 13.10 6.90
CA ASP B 146 5.94 14.34 6.62
C ASP B 146 4.43 14.14 6.73
N TYR B 147 3.96 12.97 6.30
CA TYR B 147 2.56 12.59 6.39
C TYR B 147 2.10 12.41 7.83
N LEU B 148 2.95 11.79 8.65
CA LEU B 148 2.66 11.54 10.05
C LEU B 148 2.61 12.86 10.84
N HIS B 149 3.60 13.71 10.61
CA HIS B 149 3.75 14.99 11.30
C HIS B 149 2.65 15.99 10.91
N ALA B 150 2.10 15.83 9.71
CA ALA B 150 0.96 16.61 9.27
C ALA B 150 -0.32 16.19 9.99
N LYS B 151 -0.38 14.91 10.35
CA LYS B 151 -1.51 14.36 11.10
C LYS B 151 -1.23 14.34 12.61
N SER B 152 -0.22 15.11 13.03
CA SER B 152 0.18 15.25 14.43
C SER B 152 0.57 13.92 15.10
N ILE B 153 1.25 13.07 14.34
CA ILE B 153 1.73 11.78 14.84
C ILE B 153 3.25 11.79 14.97
N ILE B 154 3.71 11.62 16.21
CA ILE B 154 5.14 11.51 16.49
C ILE B 154 5.48 10.03 16.66
N HIS B 155 6.44 9.56 15.86
CA HIS B 155 6.83 8.14 15.86
C HIS B 155 7.54 7.72 17.15
N ARG B 156 8.50 8.54 17.59
CA ARG B 156 9.23 8.35 18.85
C ARG B 156 10.17 7.13 18.90
N ASP B 157 10.22 6.38 17.80
CA ASP B 157 11.10 5.22 17.69
C ASP B 157 11.56 4.98 16.24
N LEU B 158 11.80 6.07 15.51
CA LEU B 158 12.27 6.00 14.14
C LEU B 158 13.70 5.46 14.11
N LYS B 159 13.87 4.33 13.46
CA LYS B 159 15.18 3.72 13.26
C LYS B 159 15.22 2.96 11.95
N SER B 160 16.43 2.67 11.46
CA SER B 160 16.60 1.94 10.20
C SER B 160 16.04 0.51 10.28
N ASN B 161 15.57 0.14 11.47
CA ASN B 161 14.99 -1.18 11.70
C ASN B 161 13.46 -1.17 11.61
N ASN B 162 12.87 0.01 11.80
CA ASN B 162 11.44 0.21 11.59
C ASN B 162 11.16 0.71 10.17
N ILE B 163 12.23 0.91 9.41
CA ILE B 163 12.14 1.23 7.98
C ILE B 163 12.26 -0.07 7.19
N PHE B 164 11.20 -0.43 6.48
CA PHE B 164 11.13 -1.70 5.77
C PHE B 164 11.09 -1.51 4.25
N LEU B 165 11.92 -2.28 3.55
CA LEU B 165 11.98 -2.22 2.09
C LEU B 165 11.07 -3.25 1.44
N HIS B 166 9.92 -2.78 0.95
CA HIS B 166 8.96 -3.63 0.25
C HIS B 166 9.33 -3.74 -1.23
N GLU B 167 9.62 -4.97 -1.65
CA GLU B 167 10.09 -5.27 -3.02
C GLU B 167 11.37 -4.50 -3.38
N ASP B 168 12.19 -4.24 -2.36
CA ASP B 168 13.47 -3.53 -2.47
C ASP B 168 13.39 -2.03 -2.81
N LEU B 169 12.34 -1.63 -3.53
CA LEU B 169 12.22 -0.25 -4.03
C LEU B 169 11.33 0.68 -3.18
N THR B 170 10.33 0.11 -2.52
CA THR B 170 9.39 0.90 -1.72
C THR B 170 9.76 0.90 -0.24
N VAL B 171 9.68 2.07 0.38
CA VAL B 171 9.99 2.24 1.80
C VAL B 171 8.69 2.23 2.62
N LYS B 172 8.66 1.38 3.65
CA LYS B 172 7.50 1.28 4.54
C LYS B 172 7.91 1.51 5.99
N ILE B 173 7.46 2.62 6.56
CA ILE B 173 7.73 2.93 7.97
C ILE B 173 6.73 2.17 8.85
N GLY B 174 7.26 1.26 9.66
CA GLY B 174 6.42 0.41 10.51
C GLY B 174 6.71 0.57 12.00
N ASP B 175 6.05 -0.27 12.79
CA ASP B 175 6.17 -0.29 14.26
C ASP B 175 5.75 1.02 14.92
N PHE B 176 4.47 1.12 15.26
CA PHE B 176 3.91 2.33 15.86
C PHE B 176 3.50 2.12 17.32
N GLY B 177 4.16 1.17 17.98
CA GLY B 177 3.87 0.86 19.39
C GLY B 177 4.18 1.98 20.36
N LEU B 178 5.10 2.85 19.97
CA LEU B 178 5.52 3.97 20.82
C LEU B 178 5.08 5.33 20.27
N ALA B 179 4.12 5.30 19.34
CA ALA B 179 3.61 6.52 18.72
C ALA B 179 2.60 7.25 19.61
N THR B 180 2.57 8.57 19.49
CA THR B 180 1.68 9.42 20.29
C THR B 180 1.12 10.56 19.45
N VAL B 181 -0.13 10.94 19.72
CA VAL B 181 -0.77 12.07 19.04
C VAL B 181 -0.91 13.25 19.99
N LEU B 194 9.52 5.36 25.84
CA LEU B 194 10.37 4.89 26.93
C LEU B 194 11.75 4.42 26.42
N SER B 195 12.47 3.68 27.26
CA SER B 195 13.81 3.19 26.93
C SER B 195 13.79 2.10 25.86
N GLY B 196 14.91 1.95 25.15
CA GLY B 196 15.06 0.97 24.09
C GLY B 196 16.35 1.14 23.31
N SER B 197 16.22 1.45 22.02
CA SER B 197 17.37 1.72 21.16
C SER B 197 17.83 3.17 21.33
N ILE B 198 19.14 3.34 21.47
CA ILE B 198 19.73 4.64 21.87
C ILE B 198 20.39 5.43 20.75
N LEU B 199 20.79 4.74 19.68
CA LEU B 199 21.57 5.36 18.60
C LEU B 199 20.78 6.40 17.80
N TRP B 200 19.46 6.39 17.93
CA TRP B 200 18.58 7.32 17.19
C TRP B 200 17.96 8.39 18.10
N MET B 201 18.16 8.24 19.41
CA MET B 201 17.61 9.17 20.40
C MET B 201 18.33 10.53 20.38
N ALA B 202 17.55 11.60 20.39
CA ALA B 202 18.07 12.96 20.44
C ALA B 202 18.66 13.28 21.82
N PRO B 203 19.64 14.20 21.87
CA PRO B 203 20.25 14.62 23.14
C PRO B 203 19.24 15.09 24.19
N GLU B 204 18.11 15.64 23.75
CA GLU B 204 17.04 16.08 24.65
C GLU B 204 16.34 14.87 25.27
N VAL B 205 16.14 13.84 24.45
CA VAL B 205 15.43 12.63 24.85
C VAL B 205 16.28 11.76 25.78
N ILE B 206 17.57 11.70 25.48
CA ILE B 206 18.51 10.82 26.18
C ILE B 206 18.80 11.28 27.62
N ARG B 207 18.51 12.55 27.90
CA ARG B 207 18.47 13.06 29.28
C ARG B 207 17.05 13.51 29.61
N MET B 208 16.33 12.66 30.34
CA MET B 208 14.89 12.83 30.58
C MET B 208 14.54 14.07 31.40
N GLN B 209 14.45 15.21 30.70
CA GLN B 209 14.01 16.49 31.27
C GLN B 209 13.47 17.42 30.18
N ASP B 210 12.21 17.85 30.29
CA ASP B 210 11.34 17.55 31.42
C ASP B 210 10.46 16.30 31.22
N LYS B 211 9.14 16.49 31.26
CA LYS B 211 8.19 15.38 31.12
C LYS B 211 8.16 14.79 29.71
N ASN B 212 8.02 15.67 28.71
CA ASN B 212 7.88 15.25 27.31
C ASN B 212 8.97 15.84 26.41
N PRO B 213 10.10 15.12 26.26
CA PRO B 213 11.17 15.56 25.37
C PRO B 213 10.88 15.26 23.90
N TYR B 214 9.92 14.35 23.66
CA TYR B 214 9.56 13.93 22.31
C TYR B 214 8.77 15.01 21.59
N SER B 215 9.25 15.36 20.40
CA SER B 215 8.59 16.37 19.55
C SER B 215 8.81 16.01 18.08
N PHE B 216 8.41 16.92 17.18
CA PHE B 216 8.64 16.73 15.75
C PHE B 216 10.14 16.72 15.42
N GLN B 217 10.90 17.52 16.18
CA GLN B 217 12.35 17.63 15.98
C GLN B 217 13.13 16.45 16.54
N SER B 218 12.54 15.74 17.50
CA SER B 218 13.14 14.53 18.05
C SER B 218 13.13 13.40 17.03
N ASP B 219 12.08 13.38 16.19
CA ASP B 219 11.99 12.45 15.07
C ASP B 219 12.94 12.84 13.95
N VAL B 220 13.20 14.14 13.82
CA VAL B 220 14.13 14.67 12.83
C VAL B 220 15.57 14.21 13.11
N TYR B 221 15.94 14.18 14.39
CA TYR B 221 17.25 13.66 14.80
C TYR B 221 17.37 12.17 14.51
N ALA B 222 16.29 11.44 14.79
CA ALA B 222 16.22 10.01 14.48
C ALA B 222 16.32 9.78 12.97
N PHE B 223 15.76 10.71 12.21
CA PHE B 223 15.87 10.71 10.75
C PHE B 223 17.28 11.12 10.30
N GLY B 224 17.95 11.92 11.12
CA GLY B 224 19.33 12.32 10.85
C GLY B 224 20.30 11.17 10.97
N ILE B 225 20.00 10.24 11.88
CA ILE B 225 20.83 9.06 12.10
C ILE B 225 20.66 8.04 10.97
N VAL B 226 19.43 7.86 10.50
CA VAL B 226 19.18 6.94 9.37
C VAL B 226 19.77 7.50 8.06
N LEU B 227 19.85 8.82 7.96
CA LEU B 227 20.56 9.47 6.86
C LEU B 227 22.05 9.16 6.95
N TYR B 228 22.59 9.23 8.16
CA TYR B 228 23.98 8.88 8.43
C TYR B 228 24.26 7.44 8.03
N GLU B 229 23.36 6.54 8.42
CA GLU B 229 23.48 5.12 8.09
C GLU B 229 23.52 4.87 6.59
N LEU B 230 22.68 5.61 5.85
CA LEU B 230 22.59 5.47 4.40
C LEU B 230 23.86 5.96 3.71
N MET B 231 24.37 7.12 4.15
CA MET B 231 25.50 7.78 3.53
C MET B 231 26.86 7.22 3.95
N THR B 232 26.89 6.49 5.06
CA THR B 232 28.12 5.87 5.55
C THR B 232 28.11 4.35 5.43
N GLY B 233 26.92 3.77 5.54
CA GLY B 233 26.76 2.31 5.52
C GLY B 233 27.02 1.69 6.88
N GLN B 234 27.16 2.54 7.90
CA GLN B 234 27.53 2.10 9.25
C GLN B 234 26.71 2.80 10.33
N LEU B 235 26.57 2.13 11.47
CA LEU B 235 25.94 2.70 12.65
C LEU B 235 26.89 3.72 13.29
N PRO B 236 26.34 4.82 13.85
CA PRO B 236 27.17 5.79 14.55
C PRO B 236 27.81 5.22 15.81
N TYR B 237 28.95 5.77 16.20
CA TYR B 237 29.68 5.38 17.41
C TYR B 237 30.04 3.88 17.41
N SER B 238 30.44 3.39 16.23
CA SER B 238 30.77 1.98 16.03
C SER B 238 32.11 1.60 16.66
N ASN B 239 32.93 2.60 16.95
CA ASN B 239 34.24 2.39 17.57
C ASN B 239 34.19 2.37 19.10
N ILE B 240 33.02 2.63 19.65
CA ILE B 240 32.80 2.57 21.11
C ILE B 240 31.92 1.36 21.43
N ASN B 241 32.38 0.53 22.36
CA ASN B 241 31.66 -0.69 22.71
C ASN B 241 30.70 -0.57 23.91
N ASN B 242 30.98 0.35 24.82
CA ASN B 242 30.15 0.55 26.00
C ASN B 242 28.88 1.35 25.68
N ARG B 243 27.75 0.82 26.11
CA ARG B 243 26.44 1.41 25.84
C ARG B 243 26.18 2.62 26.73
N ASP B 244 26.44 2.46 28.03
CA ASP B 244 26.19 3.50 29.04
C ASP B 244 27.00 4.78 28.78
N GLN B 245 28.20 4.62 28.22
CA GLN B 245 29.06 5.75 27.89
C GLN B 245 28.55 6.56 26.70
N ILE B 246 27.97 5.86 25.72
CA ILE B 246 27.37 6.51 24.56
C ILE B 246 26.10 7.27 24.97
N ILE B 247 25.28 6.64 25.81
CA ILE B 247 24.07 7.25 26.35
C ILE B 247 24.40 8.58 27.04
N PHE B 248 25.39 8.54 27.93
CA PHE B 248 25.80 9.72 28.70
C PHE B 248 26.42 10.82 27.83
N MET B 249 27.32 10.42 26.93
CA MET B 249 28.17 11.38 26.22
C MET B 249 27.43 12.16 25.14
N VAL B 250 26.42 11.55 24.53
CA VAL B 250 25.54 12.24 23.58
C VAL B 250 24.60 13.18 24.35
N GLY B 251 24.21 12.75 25.55
CA GLY B 251 23.36 13.55 26.43
C GLY B 251 24.02 14.83 26.89
N ARG B 252 25.24 14.72 27.39
CA ARG B 252 26.00 15.88 27.84
C ARG B 252 26.76 16.55 26.69
N GLY B 253 26.45 16.15 25.46
CA GLY B 253 26.91 16.83 24.26
C GLY B 253 28.36 16.69 23.86
N TYR B 254 29.10 15.79 24.49
CA TYR B 254 30.50 15.55 24.14
C TYR B 254 30.62 14.70 22.88
N LEU B 255 29.66 13.80 22.69
CA LEU B 255 29.66 12.88 21.54
C LEU B 255 28.69 13.33 20.47
N SER B 256 29.14 13.27 19.22
CA SER B 256 28.32 13.57 18.06
C SER B 256 28.73 12.68 16.89
N PRO B 257 27.77 12.32 16.01
CA PRO B 257 28.06 11.47 14.84
C PRO B 257 29.17 12.04 13.96
N ASP B 258 30.14 11.20 13.61
CA ASP B 258 31.29 11.59 12.79
C ASP B 258 30.86 11.78 11.34
N LEU B 259 30.60 13.03 10.95
CA LEU B 259 30.09 13.36 9.63
C LEU B 259 31.12 13.24 8.50
N SER B 260 32.41 13.21 8.87
CA SER B 260 33.49 13.06 7.90
C SER B 260 33.63 11.62 7.41
N LYS B 261 32.73 10.74 7.88
CA LYS B 261 32.72 9.33 7.50
C LYS B 261 31.87 9.04 6.27
N VAL B 262 31.15 10.06 5.79
CA VAL B 262 30.30 9.90 4.60
C VAL B 262 31.15 9.65 3.35
N ARG B 263 30.67 8.76 2.49
CA ARG B 263 31.41 8.38 1.27
C ARG B 263 31.55 9.56 0.31
N SER B 264 32.64 9.55 -0.47
CA SER B 264 33.03 10.68 -1.33
C SER B 264 31.98 11.13 -2.33
N ASN B 265 31.18 10.19 -2.82
CA ASN B 265 30.17 10.46 -3.84
C ASN B 265 28.85 11.04 -3.30
N CYS B 266 28.77 11.20 -1.98
CA CYS B 266 27.62 11.84 -1.32
C CYS B 266 27.62 13.34 -1.63
N PRO B 267 26.46 13.87 -2.07
CA PRO B 267 26.31 15.29 -2.39
C PRO B 267 26.52 16.19 -1.17
N LYS B 268 27.08 17.37 -1.40
CA LYS B 268 27.35 18.34 -0.33
C LYS B 268 26.06 18.89 0.28
N ALA B 269 24.98 18.91 -0.51
CA ALA B 269 23.67 19.33 -0.04
C ALA B 269 23.04 18.30 0.90
N MET B 270 23.39 17.03 0.68
CA MET B 270 22.93 15.93 1.54
C MET B 270 23.68 15.94 2.87
N LYS B 271 24.98 16.21 2.81
CA LYS B 271 25.83 16.29 3.99
C LYS B 271 25.46 17.51 4.84
N ARG B 272 25.06 18.60 4.17
CA ARG B 272 24.62 19.82 4.84
C ARG B 272 23.30 19.62 5.58
N LEU B 273 22.38 18.87 4.95
CA LEU B 273 21.08 18.55 5.54
C LEU B 273 21.22 17.63 6.74
N MET B 274 22.19 16.71 6.67
CA MET B 274 22.47 15.76 7.73
C MET B 274 22.87 16.48 9.02
N ALA B 275 23.73 17.49 8.89
CA ALA B 275 24.19 18.30 10.01
C ALA B 275 23.07 19.14 10.62
N GLU B 276 22.11 19.54 9.78
CA GLU B 276 20.95 20.31 10.22
C GLU B 276 20.00 19.47 11.06
N CYS B 277 19.90 18.18 10.74
CA CYS B 277 19.05 17.25 11.47
C CYS B 277 19.71 16.75 12.76
N LEU B 278 21.04 16.75 12.78
CA LEU B 278 21.81 16.27 13.93
C LEU B 278 22.23 17.38 14.89
N LYS B 279 21.55 18.53 14.82
CA LYS B 279 21.83 19.66 15.69
C LYS B 279 21.50 19.34 17.14
N LYS B 280 22.38 19.75 18.06
CA LYS B 280 22.19 19.51 19.49
C LYS B 280 21.00 20.29 20.03
N LYS B 281 20.82 21.51 19.54
CA LYS B 281 19.64 22.30 19.84
C LYS B 281 18.49 21.85 18.93
N ARG B 282 17.36 21.48 19.53
CA ARG B 282 16.22 20.99 18.77
C ARG B 282 15.54 22.08 17.94
N ASP B 283 15.58 23.31 18.45
CA ASP B 283 14.95 24.45 17.77
C ASP B 283 15.73 24.89 16.52
N GLU B 284 16.95 24.41 16.39
CA GLU B 284 17.79 24.70 15.22
C GLU B 284 17.58 23.70 14.08
N ARG B 285 16.89 22.60 14.38
CA ARG B 285 16.60 21.55 13.39
C ARG B 285 15.42 21.93 12.51
N PRO B 286 15.52 21.65 11.19
CA PRO B 286 14.40 21.91 10.28
C PRO B 286 13.29 20.85 10.42
N LEU B 287 12.07 21.25 10.08
CA LEU B 287 10.93 20.33 10.07
C LEU B 287 10.87 19.58 8.74
N PHE B 288 10.15 18.45 8.73
CA PHE B 288 10.06 17.59 7.54
C PHE B 288 9.55 18.26 6.26
N PRO B 289 8.55 19.17 6.35
CA PRO B 289 8.16 19.93 5.16
C PRO B 289 9.34 20.60 4.45
N GLN B 290 10.30 21.10 5.23
CA GLN B 290 11.51 21.72 4.68
C GLN B 290 12.53 20.66 4.24
N ILE B 291 12.65 19.59 5.01
CA ILE B 291 13.58 18.50 4.72
C ILE B 291 13.20 17.79 3.42
N LEU B 292 11.92 17.53 3.25
CA LEU B 292 11.38 16.89 2.04
C LEU B 292 11.71 17.69 0.78
N ALA B 293 11.54 19.01 0.87
CA ALA B 293 11.83 19.92 -0.25
C ALA B 293 13.32 19.97 -0.58
N SER B 294 14.16 19.79 0.45
CA SER B 294 15.61 19.80 0.28
C SER B 294 16.15 18.55 -0.41
N ILE B 295 15.57 17.39 -0.06
CA ILE B 295 15.94 16.12 -0.67
C ILE B 295 15.49 16.07 -2.13
N GLU B 296 14.27 16.54 -2.38
CA GLU B 296 13.71 16.60 -3.73
C GLU B 296 14.52 17.52 -4.66
N LEU B 297 15.07 18.58 -4.08
CA LEU B 297 15.89 19.55 -4.82
C LEU B 297 17.22 18.94 -5.27
N LEU B 298 17.89 18.23 -4.35
CA LEU B 298 19.18 17.61 -4.65
C LEU B 298 19.07 16.34 -5.49
N ALA B 299 17.88 15.75 -5.51
CA ALA B 299 17.61 14.54 -6.29
C ALA B 299 17.49 14.85 -7.78
N ARG B 300 16.93 16.02 -8.10
CA ARG B 300 16.75 16.44 -9.49
C ARG B 300 18.07 16.82 -10.15
N SER B 301 18.98 17.40 -9.38
CA SER B 301 20.31 17.78 -9.88
C SER B 301 21.38 16.76 -9.49
N LEU B 302 21.05 15.48 -9.64
CA LEU B 302 21.95 14.38 -9.27
C LEU B 302 22.37 13.49 -10.45
N PRO B 303 21.40 13.00 -11.26
CA PRO B 303 21.75 12.05 -12.34
C PRO B 303 22.68 12.63 -13.41
N LYS B 304 22.71 13.96 -13.51
CA LYS B 304 23.58 14.65 -14.48
C LYS B 304 25.03 14.62 -14.01
C1 SM7 C . -6.92 5.84 -12.86
C2 SM7 C . -5.54 5.63 -12.89
N3 SM7 C . -5.08 5.55 -14.13
N4 SM7 C . -6.16 5.71 -14.93
C5 SM7 C . -7.32 5.88 -14.19
C6 SM7 C . -7.85 5.98 -11.72
C7 SM7 C . -4.65 5.50 -11.74
C8 SM7 C . -4.91 4.56 -10.71
C9 SM7 C . -3.99 4.48 -9.64
N10 SM7 C . -2.87 5.25 -9.58
C11 SM7 C . -2.62 6.13 -10.57
C12 SM7 C . -3.48 6.29 -11.68
C13 SM7 C . -5.99 5.66 -16.38
C14 SM7 C . -7.32 5.78 -17.16
C15 SM7 C . -7.13 5.55 -18.68
N16 SM7 C . -6.37 4.31 -18.97
C17 SM7 C . -5.04 4.25 -18.32
C18 SM7 C . -5.14 4.43 -16.79
C19 SM7 C . -9.05 5.22 -11.75
C20 SM7 C . -9.99 5.30 -10.70
C21 SM7 C . -9.67 6.16 -9.63
C22 SM7 C . -8.49 6.92 -9.57
C23 SM7 C . -7.55 6.83 -10.63
C24 SM7 C . -10.42 6.45 -8.43
C25 SM7 C . -9.67 7.34 -7.73
C26 SM7 C . -8.35 7.79 -8.30
N27 SM7 C . -11.56 6.07 -7.90
N28 SM7 C . -11.55 6.81 -6.74
C29 SM7 C . -10.41 7.60 -6.58
C1 SM7 D . 8.93 -6.75 11.30
C2 SM7 D . 9.12 -7.14 9.97
N3 SM7 D . 10.27 -7.78 9.80
N4 SM7 D . 10.85 -7.81 11.03
C5 SM7 D . 10.07 -7.18 11.98
C6 SM7 D . 7.82 -6.03 11.93
C7 SM7 D . 8.20 -6.91 8.86
C8 SM7 D . 7.76 -5.60 8.52
C9 SM7 D . 6.88 -5.46 7.43
N10 SM7 D . 6.44 -6.51 6.70
C11 SM7 D . 6.85 -7.76 7.02
C12 SM7 D . 7.74 -8.00 8.09
C13 SM7 D . 12.15 -8.45 11.22
C14 SM7 D . 13.17 -7.55 11.96
C15 SM7 D . 14.52 -8.28 12.16
N16 SM7 D . 15.04 -8.84 10.89
C17 SM7 D . 14.11 -9.76 10.19
C18 SM7 D . 12.75 -9.08 9.93
C19 SM7 D . 8.13 -5.00 12.85
C20 SM7 D . 7.12 -4.25 13.50
C21 SM7 D . 5.80 -4.59 13.19
C22 SM7 D . 5.45 -5.61 12.27
C23 SM7 D . 6.48 -6.34 11.63
C24 SM7 D . 4.55 -4.03 13.66
C25 SM7 D . 3.55 -4.71 13.05
C26 SM7 D . 3.93 -5.82 12.07
N27 SM7 D . 4.18 -3.09 14.50
N28 SM7 D . 2.82 -3.18 14.41
C29 SM7 D . 2.38 -4.17 13.52
#